data_8XHO
#
_entry.id   8XHO
#
_cell.length_a   88.148
_cell.length_b   85.560
_cell.length_c   69.520
_cell.angle_alpha   90.00
_cell.angle_beta   90.00
_cell.angle_gamma   90.00
#
_symmetry.space_group_name_H-M   'P 21 21 2'
#
loop_
_entity.id
_entity.type
_entity.pdbx_description
1 polymer 'PET plastic hydrolase'
2 non-polymer 'CALCIUM ION'
3 water water
#
_entity_poly.entity_id   1
_entity_poly.type   'polypeptide(L)'
_entity_poly.pdbx_seq_one_letter_code
;SNPYERGPAPTESSVTAVRGYFDTDTDTVSSLVSGFGGGTIYYPTDTSEGTFGGVVIAPGYTASQSSMAWMGHRIASQGF
VVFTIDTITRYDQPDSRGRQIEAALDYLVEDSDVADRVDGNRLAVMGHCMGGGGTLAAAENRPELRAAIPLTPWHLQKNW
SDVEVPTMIIGAENDTVASVRTHSIPFYESLDEDLERAYLELDGASHFAPNISNTVIAKYSISWLKRFVDEDERYEQFLC
PPPDTGLFSDFSDYRDSCPHTTLEHHHHHH
;
_entity_poly.pdbx_strand_id   A,B
#
loop_
_chem_comp.id
_chem_comp.type
_chem_comp.name
_chem_comp.formula
CA non-polymer 'CALCIUM ION' 'Ca 2'
#
# COMPACT_ATOMS: atom_id res chain seq x y z
N SER A 1 -6.92 -7.32 27.32
CA SER A 1 -8.10 -7.59 26.51
C SER A 1 -7.80 -7.46 25.02
N ASN A 2 -8.54 -8.21 24.20
CA ASN A 2 -8.45 -8.11 22.75
C ASN A 2 -9.45 -7.08 22.23
N PRO A 3 -9.00 -5.93 21.67
CA PRO A 3 -9.91 -4.87 21.25
C PRO A 3 -10.79 -5.22 20.06
N TYR A 4 -10.47 -6.32 19.38
CA TYR A 4 -11.18 -6.72 18.17
C TYR A 4 -12.25 -7.78 18.40
N GLU A 5 -12.37 -8.29 19.63
CA GLU A 5 -13.42 -9.23 19.96
C GLU A 5 -14.80 -8.62 19.72
N ARG A 6 -15.67 -9.38 19.03
CA ARG A 6 -17.03 -8.95 18.76
C ARG A 6 -18.00 -10.07 19.09
N GLY A 7 -19.16 -9.69 19.65
CA GLY A 7 -20.23 -10.64 19.95
C GLY A 7 -19.98 -11.44 21.23
N PRO A 8 -20.97 -12.25 21.68
CA PRO A 8 -20.83 -13.02 22.92
C PRO A 8 -19.90 -14.22 22.75
N ALA A 9 -19.62 -14.91 23.86
CA ALA A 9 -18.81 -16.13 23.83
C ALA A 9 -19.50 -17.14 22.93
N PRO A 10 -18.76 -17.79 21.99
CA PRO A 10 -19.39 -18.72 21.04
C PRO A 10 -19.71 -20.09 21.61
N THR A 11 -20.71 -20.75 21.01
CA THR A 11 -21.00 -22.15 21.27
C THR A 11 -21.04 -22.89 19.93
N GLU A 12 -21.21 -24.21 20.00
CA GLU A 12 -21.29 -25.04 18.80
C GLU A 12 -22.49 -24.60 17.96
N SER A 13 -23.62 -24.32 18.62
CA SER A 13 -24.84 -23.94 17.91
C SER A 13 -24.75 -22.53 17.32
N SER A 14 -24.07 -21.61 18.03
CA SER A 14 -23.92 -20.23 17.55
C SER A 14 -23.05 -20.13 16.30
N VAL A 15 -21.96 -20.90 16.26
CA VAL A 15 -21.02 -20.85 15.15
C VAL A 15 -21.55 -21.63 13.94
N THR A 16 -22.48 -22.57 14.18
CA THR A 16 -23.12 -23.31 13.11
C THR A 16 -24.48 -22.75 12.68
N ALA A 17 -24.92 -21.68 13.34
CA ALA A 17 -26.23 -21.10 13.05
C ALA A 17 -26.23 -20.44 11.68
N VAL A 18 -27.43 -20.32 11.11
CA VAL A 18 -27.66 -19.65 9.84
C VAL A 18 -27.43 -18.15 10.00
N ARG A 19 -27.87 -17.60 11.15
CA ARG A 19 -27.66 -16.21 11.51
C ARG A 19 -27.01 -16.08 12.88
N GLY A 20 -25.92 -15.29 12.93
CA GLY A 20 -25.21 -15.02 14.17
C GLY A 20 -25.87 -13.96 15.06
N TYR A 21 -25.07 -13.40 15.97
CA TYR A 21 -25.53 -12.42 16.94
C TYR A 21 -25.98 -11.10 16.32
N PHE A 22 -25.35 -10.71 15.21
CA PHE A 22 -25.54 -9.38 14.64
C PHE A 22 -26.55 -9.34 13.50
N ASP A 23 -27.58 -8.50 13.66
CA ASP A 23 -28.44 -8.14 12.56
C ASP A 23 -27.58 -7.53 11.45
N THR A 24 -28.00 -7.74 10.21
CA THR A 24 -27.28 -7.22 9.05
C THR A 24 -28.22 -6.56 8.05
N ASP A 25 -27.63 -5.72 7.20
CA ASP A 25 -28.31 -5.13 6.04
C ASP A 25 -27.32 -5.18 4.89
N THR A 26 -27.78 -4.80 3.69
CA THR A 26 -26.95 -4.87 2.51
C THR A 26 -26.80 -3.51 1.83
N ASP A 27 -25.73 -3.37 1.06
CA ASP A 27 -25.50 -2.23 0.22
C ASP A 27 -25.03 -2.75 -1.14
N THR A 28 -25.64 -2.27 -2.23
CA THR A 28 -25.31 -2.71 -3.57
C THR A 28 -24.24 -1.82 -4.19
N VAL A 29 -23.22 -2.45 -4.78
CA VAL A 29 -22.15 -1.73 -5.45
C VAL A 29 -22.22 -1.98 -6.96
N SER A 30 -22.33 -0.89 -7.72
CA SER A 30 -22.44 -0.93 -9.18
C SER A 30 -21.22 -1.53 -9.87
N SER A 31 -21.45 -2.10 -11.06
CA SER A 31 -20.36 -2.60 -11.90
C SER A 31 -19.57 -1.48 -12.54
N LEU A 32 -20.11 -0.25 -12.49
CA LEU A 32 -19.38 0.95 -12.91
C LEU A 32 -18.08 1.17 -12.15
N VAL A 33 -18.00 0.65 -10.92
CA VAL A 33 -16.80 0.74 -10.12
C VAL A 33 -15.57 0.28 -10.89
N SER A 34 -14.44 0.94 -10.63
CA SER A 34 -13.18 0.64 -11.29
C SER A 34 -12.51 -0.60 -10.70
N GLY A 35 -12.06 -1.52 -11.57
CA GLY A 35 -11.19 -2.62 -11.18
C GLY A 35 -11.87 -3.98 -10.92
N PHE A 36 -13.20 -3.98 -10.83
CA PHE A 36 -13.95 -5.21 -10.68
C PHE A 36 -15.41 -4.98 -11.10
N GLY A 37 -16.26 -6.00 -10.98
CA GLY A 37 -17.62 -5.96 -11.49
C GLY A 37 -18.70 -5.54 -10.50
N GLY A 38 -18.29 -4.93 -9.39
CA GLY A 38 -19.20 -4.54 -8.31
C GLY A 38 -19.56 -5.72 -7.43
N GLY A 39 -20.69 -5.58 -6.71
CA GLY A 39 -21.23 -6.67 -5.91
C GLY A 39 -22.15 -6.20 -4.79
N THR A 40 -22.23 -7.01 -3.73
CA THR A 40 -23.06 -6.73 -2.58
C THR A 40 -22.25 -6.77 -1.29
N ILE A 41 -22.39 -5.73 -0.46
CA ILE A 41 -21.78 -5.68 0.86
C ILE A 41 -22.82 -6.05 1.92
N TYR A 42 -22.50 -7.07 2.72
CA TYR A 42 -23.32 -7.46 3.85
C TYR A 42 -22.59 -7.00 5.11
N TYR A 43 -23.28 -6.22 5.97
CA TYR A 43 -22.64 -5.63 7.13
C TYR A 43 -23.52 -5.59 8.37
N PRO A 44 -22.94 -5.59 9.60
CA PRO A 44 -23.71 -5.42 10.83
C PRO A 44 -24.21 -3.99 11.04
N THR A 45 -25.47 -3.85 11.47
CA THR A 45 -26.07 -2.55 11.69
C THR A 45 -25.68 -1.92 13.02
N ASP A 46 -25.27 -2.77 13.98
CA ASP A 46 -24.88 -2.32 15.31
C ASP A 46 -23.43 -1.83 15.33
N THR A 47 -23.25 -0.52 15.56
CA THR A 47 -21.92 0.09 15.58
C THR A 47 -21.30 0.16 16.97
N SER A 48 -22.08 -0.19 18.00
CA SER A 48 -21.70 0.04 19.39
C SER A 48 -20.49 -0.75 19.89
N GLU A 49 -20.20 -1.88 19.25
CA GLU A 49 -19.04 -2.69 19.64
C GLU A 49 -17.77 -2.30 18.88
N GLY A 50 -17.89 -1.34 17.95
CA GLY A 50 -16.77 -0.85 17.16
C GLY A 50 -16.82 -1.31 15.71
N THR A 51 -15.72 -1.06 14.99
CA THR A 51 -15.58 -1.46 13.60
C THR A 51 -15.28 -2.95 13.48
N PHE A 52 -15.54 -3.49 12.29
CA PHE A 52 -15.34 -4.91 12.02
C PHE A 52 -14.30 -5.13 10.94
N GLY A 53 -13.71 -6.34 10.94
CA GLY A 53 -12.86 -6.77 9.85
C GLY A 53 -13.63 -6.89 8.55
N GLY A 54 -12.93 -6.70 7.43
CA GLY A 54 -13.53 -6.78 6.11
C GLY A 54 -13.13 -8.06 5.37
N VAL A 55 -14.08 -8.60 4.60
CA VAL A 55 -13.88 -9.85 3.88
C VAL A 55 -14.41 -9.72 2.45
N VAL A 56 -13.54 -9.97 1.48
CA VAL A 56 -13.93 -10.03 0.08
C VAL A 56 -14.03 -11.49 -0.35
N ILE A 57 -15.19 -11.85 -0.92
CA ILE A 57 -15.43 -13.19 -1.44
C ILE A 57 -15.63 -13.09 -2.96
N ALA A 58 -14.76 -13.77 -3.72
CA ALA A 58 -14.84 -13.81 -5.18
C ALA A 58 -15.50 -15.09 -5.66
N PRO A 59 -16.22 -15.07 -6.82
CA PRO A 59 -16.84 -16.28 -7.36
C PRO A 59 -15.92 -17.05 -8.31
N GLY A 60 -16.46 -18.14 -8.87
CA GLY A 60 -15.68 -19.01 -9.73
C GLY A 60 -15.82 -18.72 -11.23
N TYR A 61 -15.09 -19.51 -12.02
CA TYR A 61 -15.17 -19.49 -13.47
C TYR A 61 -16.60 -19.75 -13.92
N THR A 62 -17.11 -18.88 -14.82
CA THR A 62 -18.47 -18.89 -15.33
C THR A 62 -19.55 -18.41 -14.36
N ALA A 63 -19.17 -18.07 -13.12
CA ALA A 63 -20.13 -17.78 -12.07
C ALA A 63 -20.16 -16.29 -11.69
N SER A 64 -21.15 -15.93 -10.86
CA SER A 64 -21.30 -14.59 -10.34
C SER A 64 -21.48 -14.64 -8.82
N GLN A 65 -21.76 -13.47 -8.22
CA GLN A 65 -21.94 -13.40 -6.78
C GLN A 65 -23.09 -14.24 -6.24
N SER A 66 -24.04 -14.61 -7.13
CA SER A 66 -25.18 -15.42 -6.73
C SER A 66 -24.80 -16.80 -6.22
N SER A 67 -23.65 -17.32 -6.69
CA SER A 67 -23.13 -18.59 -6.21
C SER A 67 -22.50 -18.49 -4.83
N MET A 68 -22.11 -17.27 -4.41
CA MET A 68 -21.50 -17.05 -3.12
C MET A 68 -22.41 -16.34 -2.12
N ALA A 69 -23.62 -15.96 -2.57
CA ALA A 69 -24.47 -15.04 -1.82
C ALA A 69 -24.86 -15.54 -0.43
N TRP A 70 -25.00 -16.85 -0.27
CA TRP A 70 -25.43 -17.42 1.01
C TRP A 70 -24.44 -17.11 2.14
N MET A 71 -23.18 -16.91 1.79
CA MET A 71 -22.15 -16.60 2.77
C MET A 71 -22.22 -15.17 3.30
N GLY A 72 -22.92 -14.29 2.58
CA GLY A 72 -23.06 -12.89 2.94
C GLY A 72 -23.60 -12.62 4.34
N HIS A 73 -24.90 -12.85 4.53
CA HIS A 73 -25.53 -12.65 5.83
C HIS A 73 -24.97 -13.63 6.87
N ARG A 74 -24.61 -14.84 6.44
CA ARG A 74 -24.20 -15.88 7.36
C ARG A 74 -22.90 -15.55 8.09
N ILE A 75 -21.87 -15.14 7.33
CA ILE A 75 -20.62 -14.73 7.93
C ILE A 75 -20.75 -13.36 8.59
N ALA A 76 -21.42 -12.43 7.89
CA ALA A 76 -21.52 -11.06 8.36
C ALA A 76 -22.24 -10.92 9.70
N SER A 77 -23.23 -11.80 9.94
CA SER A 77 -23.99 -11.77 11.18
C SER A 77 -23.17 -12.28 12.38
N GLN A 78 -22.00 -12.86 12.11
CA GLN A 78 -21.06 -13.24 13.15
C GLN A 78 -20.15 -12.08 13.56
N GLY A 79 -20.14 -11.01 12.75
CA GLY A 79 -19.37 -9.81 13.05
C GLY A 79 -18.32 -9.50 11.99
N PHE A 80 -18.74 -9.40 10.73
CA PHE A 80 -17.85 -9.07 9.64
C PHE A 80 -18.55 -8.26 8.55
N VAL A 81 -17.78 -7.46 7.81
CA VAL A 81 -18.27 -6.78 6.64
C VAL A 81 -17.82 -7.61 5.43
N VAL A 82 -18.79 -8.18 4.72
CA VAL A 82 -18.54 -9.20 3.71
C VAL A 82 -18.99 -8.70 2.35
N PHE A 83 -18.06 -8.71 1.39
CA PHE A 83 -18.26 -8.12 0.07
C PHE A 83 -18.21 -9.22 -0.99
N THR A 84 -19.37 -9.76 -1.37
CA THR A 84 -19.47 -10.76 -2.41
C THR A 84 -19.46 -10.05 -3.76
N ILE A 85 -18.31 -10.14 -4.47
CA ILE A 85 -18.10 -9.39 -5.69
C ILE A 85 -18.49 -10.20 -6.92
N ASP A 86 -18.77 -9.45 -8.00
CA ASP A 86 -18.71 -9.99 -9.36
C ASP A 86 -17.35 -9.62 -9.95
N THR A 87 -16.88 -10.47 -10.87
CA THR A 87 -15.71 -10.15 -11.67
C THR A 87 -16.11 -9.32 -12.89
N ILE A 88 -15.12 -8.85 -13.64
CA ILE A 88 -15.38 -8.03 -14.82
C ILE A 88 -16.07 -8.84 -15.91
N THR A 89 -15.53 -10.03 -16.19
CA THR A 89 -16.23 -11.04 -16.99
C THR A 89 -16.26 -12.35 -16.20
N ARG A 90 -17.21 -13.21 -16.59
CA ARG A 90 -17.39 -14.51 -15.94
C ARG A 90 -16.24 -15.48 -16.20
N TYR A 91 -15.41 -15.18 -17.20
CA TYR A 91 -14.35 -16.08 -17.65
C TYR A 91 -12.94 -15.55 -17.38
N ASP A 92 -12.83 -14.63 -16.42
CA ASP A 92 -11.52 -14.10 -16.03
C ASP A 92 -10.70 -15.20 -15.37
N GLN A 93 -9.39 -15.18 -15.63
CA GLN A 93 -8.45 -16.17 -15.11
C GLN A 93 -8.02 -15.83 -13.68
N PRO A 94 -7.39 -16.78 -12.95
CA PRO A 94 -7.14 -16.60 -11.51
C PRO A 94 -6.38 -15.34 -11.10
N ASP A 95 -5.29 -15.01 -11.80
CA ASP A 95 -4.49 -13.85 -11.45
C ASP A 95 -5.22 -12.54 -11.70
N SER A 96 -6.09 -12.51 -12.71
CA SER A 96 -6.98 -11.38 -12.93
C SER A 96 -7.95 -11.24 -11.76
N ARG A 97 -8.46 -12.37 -11.26
CA ARG A 97 -9.37 -12.36 -10.13
C ARG A 97 -8.65 -11.84 -8.88
N GLY A 98 -7.37 -12.24 -8.72
CA GLY A 98 -6.51 -11.73 -7.67
C GLY A 98 -6.48 -10.20 -7.64
N ARG A 99 -6.21 -9.59 -8.80
CA ARG A 99 -6.14 -8.14 -8.91
C ARG A 99 -7.51 -7.49 -8.67
N GLN A 100 -8.59 -8.15 -9.10
CA GLN A 100 -9.93 -7.65 -8.85
C GLN A 100 -10.31 -7.74 -7.37
N ILE A 101 -9.95 -8.86 -6.71
CA ILE A 101 -10.08 -9.00 -5.28
C ILE A 101 -9.39 -7.86 -4.54
N GLU A 102 -8.17 -7.50 -5.00
CA GLU A 102 -7.39 -6.44 -4.39
C GLU A 102 -8.06 -5.08 -4.55
N ALA A 103 -8.61 -4.82 -5.74
CA ALA A 103 -9.31 -3.57 -6.00
C ALA A 103 -10.58 -3.46 -5.18
N ALA A 104 -11.22 -4.60 -4.90
CA ALA A 104 -12.45 -4.65 -4.13
C ALA A 104 -12.17 -4.36 -2.65
N LEU A 105 -11.06 -4.91 -2.14
CA LEU A 105 -10.57 -4.59 -0.81
C LEU A 105 -10.37 -3.08 -0.66
N ASP A 106 -9.71 -2.46 -1.64
CA ASP A 106 -9.49 -1.02 -1.62
C ASP A 106 -10.80 -0.24 -1.70
N TYR A 107 -11.71 -0.65 -2.59
CA TYR A 107 -13.02 -0.02 -2.69
C TYR A 107 -13.75 -0.06 -1.35
N LEU A 108 -13.75 -1.26 -0.72
CA LEU A 108 -14.45 -1.47 0.53
C LEU A 108 -13.95 -0.52 1.62
N VAL A 109 -12.63 -0.39 1.74
CA VAL A 109 -12.02 0.45 2.77
C VAL A 109 -12.10 1.94 2.47
N GLU A 110 -11.93 2.32 1.19
CA GLU A 110 -11.80 3.72 0.82
C GLU A 110 -13.11 4.37 0.39
N ASP A 111 -13.88 3.68 -0.47
CA ASP A 111 -14.96 4.31 -1.23
C ASP A 111 -16.38 3.92 -0.84
N SER A 112 -16.55 2.74 -0.24
CA SER A 112 -17.87 2.19 0.02
C SER A 112 -18.65 3.03 1.03
N ASP A 113 -19.98 2.93 0.97
CA ASP A 113 -20.87 3.62 1.90
C ASP A 113 -20.77 3.14 3.34
N VAL A 114 -20.12 1.99 3.54
CA VAL A 114 -19.91 1.44 4.88
C VAL A 114 -18.42 1.39 5.23
N ALA A 115 -17.65 2.33 4.69
CA ALA A 115 -16.23 2.42 4.97
C ALA A 115 -15.92 2.69 6.45
N ASP A 116 -16.80 3.46 7.11
CA ASP A 116 -16.65 3.80 8.50
C ASP A 116 -17.00 2.66 9.45
N ARG A 117 -17.47 1.52 8.90
CA ARG A 117 -17.70 0.32 9.68
C ARG A 117 -16.58 -0.72 9.52
N VAL A 118 -15.63 -0.44 8.63
CA VAL A 118 -14.55 -1.38 8.34
C VAL A 118 -13.22 -0.91 8.94
N ASP A 119 -12.55 -1.81 9.66
CA ASP A 119 -11.16 -1.62 10.05
C ASP A 119 -10.29 -2.10 8.89
N GLY A 120 -9.70 -1.14 8.16
CA GLY A 120 -8.90 -1.44 6.98
C GLY A 120 -7.55 -2.08 7.26
N ASN A 121 -7.16 -2.19 8.54
CA ASN A 121 -5.96 -2.92 8.93
C ASN A 121 -6.20 -4.41 9.14
N ARG A 122 -7.46 -4.85 9.02
CA ARG A 122 -7.85 -6.22 9.30
C ARG A 122 -8.77 -6.74 8.20
N LEU A 123 -8.15 -7.28 7.15
CA LEU A 123 -8.87 -7.72 5.97
C LEU A 123 -8.60 -9.19 5.67
N ALA A 124 -9.52 -9.83 4.94
CA ALA A 124 -9.40 -11.22 4.56
C ALA A 124 -9.97 -11.46 3.16
N VAL A 125 -9.58 -12.59 2.57
CA VAL A 125 -9.98 -12.94 1.22
C VAL A 125 -10.48 -14.39 1.18
N MET A 126 -11.57 -14.59 0.45
CA MET A 126 -12.17 -15.90 0.24
C MET A 126 -12.53 -15.95 -1.24
N GLY A 127 -12.62 -17.18 -1.79
CA GLY A 127 -13.00 -17.33 -3.18
C GLY A 127 -13.23 -18.77 -3.59
N HIS A 128 -14.12 -18.97 -4.57
CA HIS A 128 -14.42 -20.28 -5.11
C HIS A 128 -13.69 -20.50 -6.44
N CYS A 129 -13.19 -21.73 -6.66
CA CYS A 129 -12.73 -22.14 -7.97
C CYS A 129 -11.57 -21.24 -8.40
N MET A 130 -11.67 -20.62 -9.59
CA MET A 130 -10.67 -19.66 -10.02
C MET A 130 -10.58 -18.46 -9.09
N GLY A 131 -11.70 -18.13 -8.42
CA GLY A 131 -11.70 -17.14 -7.36
C GLY A 131 -10.86 -17.54 -6.14
N GLY A 132 -10.78 -18.85 -5.87
CA GLY A 132 -9.91 -19.39 -4.83
C GLY A 132 -8.43 -19.30 -5.23
N GLY A 133 -8.16 -19.54 -6.52
CA GLY A 133 -6.87 -19.23 -7.11
C GLY A 133 -6.52 -17.75 -6.96
N GLY A 134 -7.51 -16.89 -7.22
CA GLY A 134 -7.35 -15.46 -7.03
C GLY A 134 -7.12 -15.07 -5.56
N THR A 135 -7.77 -15.80 -4.65
CA THR A 135 -7.58 -15.61 -3.23
C THR A 135 -6.09 -15.77 -2.89
N LEU A 136 -5.49 -16.88 -3.37
CA LEU A 136 -4.08 -17.13 -3.16
C LEU A 136 -3.20 -16.05 -3.78
N ALA A 137 -3.54 -15.65 -5.01
CA ALA A 137 -2.81 -14.59 -5.71
C ALA A 137 -2.81 -13.29 -4.92
N ALA A 138 -3.97 -12.91 -4.37
CA ALA A 138 -4.11 -11.70 -3.59
C ALA A 138 -3.30 -11.80 -2.29
N ALA A 139 -3.42 -12.95 -1.62
CA ALA A 139 -2.68 -13.22 -0.40
C ALA A 139 -1.17 -13.13 -0.64
N GLU A 140 -0.71 -13.73 -1.74
CA GLU A 140 0.71 -13.70 -2.10
C GLU A 140 1.20 -12.27 -2.34
N ASN A 141 0.33 -11.42 -2.90
CA ASN A 141 0.68 -10.05 -3.23
C ASN A 141 0.54 -9.09 -2.05
N ARG A 142 -0.29 -9.45 -1.06
CA ARG A 142 -0.55 -8.60 0.08
C ARG A 142 -0.39 -9.37 1.39
N PRO A 143 0.84 -9.46 1.93
CA PRO A 143 1.08 -10.17 3.19
C PRO A 143 0.45 -9.57 4.45
N GLU A 144 -0.04 -8.33 4.35
CA GLU A 144 -0.68 -7.66 5.47
C GLU A 144 -2.09 -8.21 5.75
N LEU A 145 -2.67 -8.91 4.76
CA LEU A 145 -3.95 -9.57 4.95
C LEU A 145 -3.90 -10.57 6.09
N ARG A 146 -5.01 -10.65 6.85
CA ARG A 146 -5.06 -11.46 8.07
C ARG A 146 -5.40 -12.93 7.82
N ALA A 147 -6.23 -13.20 6.81
CA ALA A 147 -6.60 -14.56 6.49
C ALA A 147 -6.98 -14.73 5.02
N ALA A 148 -6.87 -15.98 4.56
CA ALA A 148 -7.25 -16.37 3.20
C ALA A 148 -7.91 -17.74 3.23
N ILE A 149 -9.09 -17.85 2.61
CA ILE A 149 -9.81 -19.12 2.56
C ILE A 149 -10.18 -19.48 1.12
N PRO A 150 -9.26 -20.13 0.36
CA PRO A 150 -9.62 -20.67 -0.96
C PRO A 150 -10.54 -21.88 -0.84
N LEU A 151 -11.66 -21.83 -1.56
CA LEU A 151 -12.65 -22.89 -1.60
C LEU A 151 -12.54 -23.66 -2.91
N THR A 152 -12.31 -24.98 -2.83
CA THR A 152 -12.06 -25.83 -3.98
C THR A 152 -11.29 -25.09 -5.07
N PRO A 153 -10.09 -24.54 -4.74
CA PRO A 153 -9.39 -23.61 -5.62
C PRO A 153 -8.86 -24.25 -6.89
N TRP A 154 -8.73 -23.42 -7.95
CA TRP A 154 -8.13 -23.82 -9.21
C TRP A 154 -7.09 -22.78 -9.62
N HIS A 155 -5.89 -23.26 -9.96
CA HIS A 155 -4.81 -22.40 -10.44
C HIS A 155 -3.70 -23.26 -11.03
N LEU A 156 -3.17 -22.83 -12.18
CA LEU A 156 -2.03 -23.51 -12.79
C LEU A 156 -0.76 -23.33 -11.96
N GLN A 157 -0.66 -22.20 -11.26
CA GLN A 157 0.43 -21.98 -10.31
C GLN A 157 0.24 -22.87 -9.08
N LYS A 158 1.19 -23.78 -8.87
CA LYS A 158 1.09 -24.77 -7.79
C LYS A 158 1.89 -24.38 -6.54
N ASN A 159 2.86 -23.47 -6.70
CA ASN A 159 3.76 -23.09 -5.62
C ASN A 159 3.33 -21.81 -4.93
N TRP A 160 3.04 -21.91 -3.62
CA TRP A 160 2.63 -20.77 -2.82
C TRP A 160 3.45 -20.68 -1.53
N SER A 161 4.73 -21.04 -1.63
CA SER A 161 5.69 -20.94 -0.52
C SER A 161 5.91 -19.47 -0.11
N ASP A 162 5.59 -18.59 -1.05
CA ASP A 162 5.68 -17.15 -0.89
C ASP A 162 4.69 -16.59 0.14
N VAL A 163 3.54 -17.26 0.30
CA VAL A 163 2.42 -16.71 1.04
C VAL A 163 2.71 -16.61 2.55
N GLU A 164 2.41 -15.45 3.13
CA GLU A 164 2.59 -15.20 4.55
C GLU A 164 1.27 -14.96 5.29
N VAL A 165 0.14 -15.09 4.58
CA VAL A 165 -1.18 -14.93 5.15
C VAL A 165 -1.67 -16.28 5.65
N PRO A 166 -2.15 -16.39 6.91
CA PRO A 166 -2.78 -17.64 7.38
C PRO A 166 -3.92 -18.11 6.48
N THR A 167 -3.72 -19.24 5.79
CA THR A 167 -4.69 -19.70 4.81
C THR A 167 -5.31 -21.04 5.19
N MET A 168 -6.64 -21.09 5.10
CA MET A 168 -7.42 -22.31 5.22
C MET A 168 -7.90 -22.71 3.83
N ILE A 169 -7.39 -23.82 3.29
CA ILE A 169 -7.87 -24.35 2.03
C ILE A 169 -8.93 -25.41 2.33
N ILE A 170 -10.13 -25.22 1.76
CA ILE A 170 -11.20 -26.20 1.85
C ILE A 170 -11.35 -26.86 0.48
N GLY A 171 -10.97 -28.14 0.40
CA GLY A 171 -11.15 -28.93 -0.80
C GLY A 171 -12.36 -29.84 -0.71
N ALA A 172 -12.76 -30.39 -1.88
CA ALA A 172 -13.84 -31.35 -1.96
C ALA A 172 -13.29 -32.68 -2.48
N GLU A 173 -13.46 -33.74 -1.68
CA GLU A 173 -12.86 -35.03 -1.95
C GLU A 173 -13.10 -35.48 -3.39
N ASN A 174 -14.35 -35.39 -3.86
CA ASN A 174 -14.72 -35.89 -5.17
C ASN A 174 -14.76 -34.83 -6.28
N ASP A 175 -14.00 -33.75 -6.10
CA ASP A 175 -13.92 -32.70 -7.11
C ASP A 175 -13.25 -33.19 -8.39
N THR A 176 -13.98 -33.09 -9.52
CA THR A 176 -13.45 -33.44 -10.83
C THR A 176 -13.01 -32.26 -11.68
N VAL A 177 -13.43 -31.05 -11.30
CA VAL A 177 -13.07 -29.83 -12.01
C VAL A 177 -11.71 -29.35 -11.54
N ALA A 178 -11.61 -29.10 -10.23
CA ALA A 178 -10.38 -28.67 -9.59
C ALA A 178 -9.95 -29.77 -8.62
N SER A 179 -9.51 -30.89 -9.18
CA SER A 179 -9.08 -32.04 -8.41
C SER A 179 -8.17 -31.65 -7.25
N VAL A 180 -8.40 -32.23 -6.07
CA VAL A 180 -7.60 -31.94 -4.90
C VAL A 180 -6.16 -32.44 -5.09
N ARG A 181 -6.00 -33.55 -5.82
CA ARG A 181 -4.68 -34.10 -6.08
C ARG A 181 -3.80 -33.12 -6.87
N THR A 182 -4.40 -32.40 -7.82
CA THR A 182 -3.66 -31.52 -8.72
C THR A 182 -3.79 -30.03 -8.42
N HIS A 183 -4.72 -29.66 -7.52
CA HIS A 183 -4.88 -28.27 -7.14
C HIS A 183 -4.74 -28.06 -5.62
N SER A 184 -5.82 -28.32 -4.85
CA SER A 184 -5.83 -28.01 -3.43
C SER A 184 -4.61 -28.49 -2.66
N ILE A 185 -4.30 -29.78 -2.76
CA ILE A 185 -3.25 -30.37 -1.94
C ILE A 185 -1.86 -29.83 -2.29
N PRO A 186 -1.42 -29.83 -3.57
CA PRO A 186 -0.18 -29.15 -3.95
C PRO A 186 -0.09 -27.73 -3.38
N PHE A 187 -1.19 -26.98 -3.43
CA PHE A 187 -1.21 -25.62 -2.90
C PHE A 187 -0.89 -25.62 -1.41
N TYR A 188 -1.56 -26.50 -0.66
CA TYR A 188 -1.39 -26.60 0.78
C TYR A 188 0.02 -27.03 1.17
N GLU A 189 0.53 -28.09 0.53
CA GLU A 189 1.83 -28.65 0.85
C GLU A 189 2.99 -27.72 0.52
N SER A 190 2.75 -26.76 -0.38
CA SER A 190 3.73 -25.75 -0.73
C SER A 190 3.83 -24.63 0.31
N LEU A 191 2.79 -24.49 1.15
CA LEU A 191 2.77 -23.45 2.16
C LEU A 191 3.90 -23.69 3.16
N ASP A 192 4.46 -22.57 3.63
CA ASP A 192 5.56 -22.59 4.58
C ASP A 192 5.17 -23.37 5.83
N GLU A 193 6.14 -24.10 6.41
CA GLU A 193 5.85 -24.98 7.54
C GLU A 193 5.59 -24.18 8.81
N ASP A 194 6.03 -22.92 8.84
CA ASP A 194 5.80 -22.03 9.97
C ASP A 194 4.57 -21.14 9.80
N LEU A 195 3.92 -21.23 8.64
CA LEU A 195 2.68 -20.49 8.41
C LEU A 195 1.53 -21.20 9.10
N GLU A 196 0.75 -20.45 9.89
CA GLU A 196 -0.51 -20.96 10.43
C GLU A 196 -1.43 -21.25 9.25
N ARG A 197 -1.99 -22.46 9.22
CA ARG A 197 -2.69 -22.95 8.04
C ARG A 197 -3.55 -24.17 8.35
N ALA A 198 -4.38 -24.55 7.37
CA ALA A 198 -5.21 -25.74 7.48
C ALA A 198 -5.69 -26.22 6.11
N TYR A 199 -5.77 -27.55 5.95
CA TYR A 199 -6.42 -28.16 4.81
C TYR A 199 -7.63 -28.93 5.29
N LEU A 200 -8.80 -28.58 4.75
CA LEU A 200 -10.06 -29.22 5.10
C LEU A 200 -10.64 -29.88 3.84
N GLU A 201 -10.82 -31.21 3.90
CA GLU A 201 -11.29 -31.98 2.76
C GLU A 201 -12.63 -32.61 3.10
N LEU A 202 -13.68 -32.14 2.42
CA LEU A 202 -15.05 -32.58 2.68
C LEU A 202 -15.30 -33.97 2.06
N ASP A 203 -15.74 -34.91 2.89
CA ASP A 203 -15.97 -36.27 2.44
C ASP A 203 -17.12 -36.35 1.45
N GLY A 204 -16.87 -36.96 0.29
CA GLY A 204 -17.90 -37.18 -0.72
C GLY A 204 -18.45 -35.93 -1.40
N ALA A 205 -17.78 -34.79 -1.23
CA ALA A 205 -18.30 -33.52 -1.69
C ALA A 205 -17.91 -33.24 -3.14
N SER A 206 -18.74 -32.44 -3.83
CA SER A 206 -18.50 -32.05 -5.21
C SER A 206 -17.84 -30.68 -5.32
N HIS A 207 -17.47 -30.29 -6.55
CA HIS A 207 -16.84 -29.02 -6.80
C HIS A 207 -17.71 -27.84 -6.37
N PHE A 208 -19.03 -28.00 -6.51
CA PHE A 208 -20.00 -26.93 -6.28
C PHE A 208 -20.58 -26.92 -4.87
N ALA A 209 -20.01 -27.71 -3.95
CA ALA A 209 -20.44 -27.72 -2.55
C ALA A 209 -20.35 -26.34 -1.91
N PRO A 210 -19.31 -25.53 -2.21
CA PRO A 210 -19.23 -24.17 -1.69
C PRO A 210 -20.31 -23.19 -2.17
N ASN A 211 -21.11 -23.60 -3.15
CA ASN A 211 -22.16 -22.76 -3.71
C ASN A 211 -23.53 -23.03 -3.11
N ILE A 212 -23.59 -23.86 -2.06
CA ILE A 212 -24.84 -24.14 -1.37
C ILE A 212 -24.60 -24.13 0.15
N SER A 213 -25.63 -23.67 0.90
CA SER A 213 -25.58 -23.64 2.35
C SER A 213 -24.93 -24.91 2.89
N ASN A 214 -23.80 -24.72 3.59
CA ASN A 214 -23.00 -25.82 4.11
C ASN A 214 -22.53 -25.44 5.51
N THR A 215 -23.08 -26.13 6.52
CA THR A 215 -22.75 -25.86 7.91
C THR A 215 -21.26 -26.02 8.19
N VAL A 216 -20.64 -27.04 7.59
CA VAL A 216 -19.22 -27.33 7.81
C VAL A 216 -18.38 -26.17 7.30
N ILE A 217 -18.58 -25.77 6.05
CA ILE A 217 -17.84 -24.66 5.45
C ILE A 217 -18.04 -23.37 6.26
N ALA A 218 -19.29 -23.09 6.62
CA ALA A 218 -19.61 -21.89 7.39
C ALA A 218 -18.88 -21.88 8.73
N LYS A 219 -19.06 -22.95 9.51
CA LYS A 219 -18.46 -23.06 10.84
C LYS A 219 -16.96 -22.76 10.83
N TYR A 220 -16.24 -23.42 9.91
CA TYR A 220 -14.79 -23.37 9.91
C TYR A 220 -14.26 -22.09 9.26
N SER A 221 -14.97 -21.59 8.25
CA SER A 221 -14.65 -20.28 7.69
C SER A 221 -14.80 -19.20 8.75
N ILE A 222 -15.94 -19.22 9.46
CA ILE A 222 -16.21 -18.26 10.51
C ILE A 222 -15.14 -18.34 11.60
N SER A 223 -14.85 -19.57 12.05
CA SER A 223 -13.88 -19.78 13.10
C SER A 223 -12.49 -19.30 12.69
N TRP A 224 -12.14 -19.44 11.41
CA TRP A 224 -10.85 -19.03 10.89
C TRP A 224 -10.73 -17.51 10.81
N LEU A 225 -11.79 -16.87 10.34
CA LEU A 225 -11.83 -15.41 10.26
C LEU A 225 -11.77 -14.82 11.67
N LYS A 226 -12.56 -15.37 12.60
CA LYS A 226 -12.54 -14.92 13.98
C LYS A 226 -11.13 -15.03 14.56
N ARG A 227 -10.47 -16.17 14.32
CA ARG A 227 -9.18 -16.44 14.92
C ARG A 227 -8.07 -15.52 14.40
N PHE A 228 -8.13 -15.12 13.13
CA PHE A 228 -7.04 -14.36 12.53
C PHE A 228 -7.38 -12.91 12.20
N VAL A 229 -8.58 -12.66 11.64
CA VAL A 229 -9.01 -11.30 11.37
C VAL A 229 -9.25 -10.53 12.67
N ASP A 230 -9.85 -11.20 13.65
CA ASP A 230 -10.12 -10.62 14.95
C ASP A 230 -9.13 -11.05 16.03
N GLU A 231 -8.24 -11.99 15.69
CA GLU A 231 -7.29 -12.56 16.64
C GLU A 231 -8.02 -13.11 17.87
N ASP A 232 -9.21 -13.67 17.65
CA ASP A 232 -10.11 -14.01 18.72
C ASP A 232 -9.87 -15.45 19.19
N GLU A 233 -9.22 -15.58 20.35
CA GLU A 233 -8.88 -16.87 20.91
C GLU A 233 -10.10 -17.67 21.38
N ARG A 234 -11.26 -17.00 21.49
CA ARG A 234 -12.50 -17.67 21.86
C ARG A 234 -12.92 -18.70 20.81
N TYR A 235 -12.48 -18.50 19.56
CA TYR A 235 -12.83 -19.39 18.46
C TYR A 235 -11.75 -20.44 18.17
N GLU A 236 -10.66 -20.41 18.93
CA GLU A 236 -9.61 -21.42 18.86
C GLU A 236 -10.15 -22.83 19.14
N GLN A 237 -11.18 -22.90 20.00
CA GLN A 237 -11.77 -24.17 20.41
C GLN A 237 -12.37 -24.99 19.27
N PHE A 238 -12.82 -24.32 18.21
CA PHE A 238 -13.42 -24.99 17.07
C PHE A 238 -12.42 -25.47 16.03
N LEU A 239 -11.18 -24.97 16.12
CA LEU A 239 -10.12 -25.33 15.21
C LEU A 239 -9.11 -26.31 15.80
N CYS A 240 -8.98 -26.27 17.12
CA CYS A 240 -7.98 -27.06 17.85
C CYS A 240 -8.63 -27.63 19.12
N PRO A 241 -8.63 -28.97 19.35
CA PRO A 241 -7.98 -29.92 18.44
C PRO A 241 -8.70 -30.06 17.11
N PRO A 242 -8.04 -30.59 16.05
CA PRO A 242 -8.69 -30.78 14.76
C PRO A 242 -9.80 -31.82 14.82
N PRO A 243 -10.81 -31.77 13.91
CA PRO A 243 -11.90 -32.74 13.93
C PRO A 243 -11.43 -34.12 13.49
N ASP A 244 -12.21 -35.16 13.85
CA ASP A 244 -11.90 -36.52 13.46
C ASP A 244 -12.12 -36.71 11.96
N THR A 245 -11.38 -37.64 11.35
CA THR A 245 -11.40 -37.87 9.92
C THR A 245 -11.64 -39.34 9.55
N GLY A 246 -12.05 -40.16 10.54
CA GLY A 246 -12.33 -41.56 10.28
C GLY A 246 -13.72 -41.77 9.72
N LEU A 247 -14.32 -42.90 10.10
CA LEU A 247 -15.59 -43.35 9.56
C LEU A 247 -16.74 -42.50 10.12
N PHE A 248 -17.62 -42.07 9.22
CA PHE A 248 -18.79 -41.26 9.53
C PHE A 248 -18.46 -39.80 9.83
N SER A 249 -17.22 -39.38 9.58
CA SER A 249 -16.86 -37.98 9.71
C SER A 249 -17.23 -37.21 8.44
N ASP A 250 -17.43 -35.88 8.58
CA ASP A 250 -17.63 -35.01 7.45
C ASP A 250 -16.32 -34.70 6.70
N PHE A 251 -15.19 -35.07 7.31
CA PHE A 251 -13.88 -34.83 6.72
C PHE A 251 -13.22 -36.13 6.29
N SER A 252 -12.79 -36.16 5.01
CA SER A 252 -11.96 -37.23 4.50
C SER A 252 -10.48 -36.97 4.82
N ASP A 253 -10.17 -35.70 5.12
CA ASP A 253 -8.83 -35.30 5.54
C ASP A 253 -8.92 -33.99 6.30
N TYR A 254 -7.95 -33.76 7.19
CA TYR A 254 -7.80 -32.50 7.90
C TYR A 254 -6.36 -32.35 8.36
N ARG A 255 -5.71 -31.28 7.90
CA ARG A 255 -4.32 -31.00 8.25
C ARG A 255 -4.29 -29.66 8.97
N ASP A 256 -3.50 -29.58 10.04
CA ASP A 256 -3.55 -28.45 10.96
C ASP A 256 -2.17 -27.91 11.29
N SER A 257 -2.14 -26.75 11.96
CA SER A 257 -0.93 -26.17 12.51
C SER A 257 -1.16 -25.74 13.96
N CYS A 258 -2.00 -26.52 14.67
CA CYS A 258 -2.36 -26.23 16.05
C CYS A 258 -1.13 -26.32 16.95
N PRO A 259 -1.02 -25.48 18.03
CA PRO A 259 -1.94 -24.37 18.29
C PRO A 259 -1.67 -23.17 17.39
N HIS A 260 -2.64 -22.26 17.35
CA HIS A 260 -2.54 -21.04 16.55
C HIS A 260 -2.00 -19.90 17.40
N THR A 261 -0.84 -19.37 17.02
CA THR A 261 -0.30 -18.15 17.60
C THR A 261 -0.46 -17.04 16.56
N THR A 262 -0.71 -15.82 17.04
CA THR A 262 -1.00 -14.68 16.18
C THR A 262 0.17 -13.68 16.28
N SER B 1 -12.43 8.37 -4.20
CA SER B 1 -11.10 8.06 -4.73
C SER B 1 -10.23 9.32 -4.75
N ASN B 2 -8.91 9.11 -4.72
CA ASN B 2 -7.94 10.18 -4.94
C ASN B 2 -7.60 10.26 -6.42
N PRO B 3 -7.96 11.37 -7.12
CA PRO B 3 -7.72 11.45 -8.57
C PRO B 3 -6.26 11.57 -8.97
N TYR B 4 -5.38 11.82 -7.99
CA TYR B 4 -3.96 12.00 -8.24
C TYR B 4 -3.11 10.74 -8.02
N GLU B 5 -3.74 9.66 -7.54
CA GLU B 5 -3.04 8.39 -7.37
C GLU B 5 -2.49 7.90 -8.71
N ARG B 6 -1.22 7.50 -8.72
CA ARG B 6 -0.56 6.99 -9.90
C ARG B 6 0.17 5.71 -9.55
N GLY B 7 0.10 4.72 -10.46
CA GLY B 7 0.82 3.48 -10.32
C GLY B 7 0.14 2.49 -9.36
N PRO B 8 0.66 1.24 -9.25
CA PRO B 8 0.04 0.22 -8.41
C PRO B 8 0.26 0.47 -6.93
N ALA B 9 -0.40 -0.33 -6.08
CA ALA B 9 -0.22 -0.24 -4.64
C ALA B 9 1.24 -0.50 -4.31
N PRO B 10 1.89 0.34 -3.46
CA PRO B 10 3.32 0.20 -3.19
C PRO B 10 3.70 -0.93 -2.24
N THR B 11 4.93 -1.43 -2.40
CA THR B 11 5.55 -2.34 -1.47
C THR B 11 6.92 -1.80 -1.11
N GLU B 12 7.61 -2.47 -0.18
CA GLU B 12 8.96 -2.10 0.20
C GLU B 12 9.90 -2.16 -0.99
N SER B 13 9.75 -3.21 -1.81
CA SER B 13 10.64 -3.40 -2.96
C SER B 13 10.35 -2.39 -4.08
N SER B 14 9.06 -2.04 -4.27
CA SER B 14 8.68 -1.09 -5.30
C SER B 14 9.18 0.33 -5.03
N VAL B 15 9.10 0.76 -3.77
CA VAL B 15 9.50 2.10 -3.39
C VAL B 15 11.02 2.23 -3.28
N THR B 16 11.71 1.10 -3.10
CA THR B 16 13.17 1.07 -3.05
C THR B 16 13.82 0.69 -4.39
N ALA B 17 13.00 0.42 -5.41
CA ALA B 17 13.52 -0.01 -6.70
C ALA B 17 14.30 1.11 -7.40
N VAL B 18 15.23 0.71 -8.26
CA VAL B 18 16.00 1.66 -9.06
C VAL B 18 15.11 2.29 -10.13
N ARG B 19 14.22 1.47 -10.71
CA ARG B 19 13.21 1.93 -11.66
C ARG B 19 11.80 1.52 -11.22
N GLY B 20 10.90 2.49 -11.17
CA GLY B 20 9.53 2.26 -10.74
C GLY B 20 8.64 1.71 -11.86
N TYR B 21 7.32 1.86 -11.68
CA TYR B 21 6.33 1.33 -12.60
C TYR B 21 6.35 1.97 -13.98
N PHE B 22 6.73 3.25 -14.05
CA PHE B 22 6.62 4.05 -15.25
C PHE B 22 7.93 4.16 -16.04
N ASP B 23 7.92 3.72 -17.31
CA ASP B 23 9.00 4.03 -18.21
C ASP B 23 9.15 5.55 -18.30
N THR B 24 10.39 6.02 -18.50
CA THR B 24 10.66 7.44 -18.63
C THR B 24 11.55 7.74 -19.83
N ASP B 25 11.51 9.00 -20.27
CA ASP B 25 12.43 9.52 -21.28
C ASP B 25 12.84 10.90 -20.80
N THR B 26 13.77 11.53 -21.53
CA THR B 26 14.30 12.82 -21.12
C THR B 26 14.09 13.88 -22.20
N ASP B 27 14.10 15.14 -21.74
CA ASP B 27 14.07 16.31 -22.60
C ASP B 27 15.12 17.27 -22.07
N THR B 28 15.97 17.79 -22.97
CA THR B 28 17.07 18.66 -22.58
C THR B 28 16.63 20.13 -22.68
N VAL B 29 16.91 20.90 -21.63
CA VAL B 29 16.63 22.33 -21.63
C VAL B 29 17.93 23.14 -21.66
N SER B 30 18.03 24.01 -22.67
CA SER B 30 19.21 24.84 -22.89
C SER B 30 19.49 25.83 -21.76
N SER B 31 20.77 26.20 -21.62
CA SER B 31 21.18 27.21 -20.66
C SER B 31 20.78 28.62 -21.10
N LEU B 32 20.40 28.74 -22.38
CA LEU B 32 19.86 29.98 -22.93
C LEU B 32 18.60 30.45 -22.22
N VAL B 33 17.87 29.50 -21.60
CA VAL B 33 16.66 29.83 -20.86
C VAL B 33 16.92 30.94 -19.85
N SER B 34 15.91 31.79 -19.64
CA SER B 34 16.02 32.91 -18.71
C SER B 34 15.79 32.46 -17.27
N GLY B 35 16.67 32.90 -16.36
CA GLY B 35 16.46 32.75 -14.93
C GLY B 35 17.20 31.59 -14.26
N PHE B 36 17.74 30.66 -15.05
CA PHE B 36 18.54 29.56 -14.53
C PHE B 36 19.41 29.00 -15.66
N GLY B 37 20.16 27.92 -15.37
CA GLY B 37 21.15 27.41 -16.30
C GLY B 37 20.69 26.24 -17.17
N GLY B 38 19.37 26.05 -17.26
CA GLY B 38 18.79 24.93 -17.99
C GLY B 38 18.82 23.64 -17.18
N GLY B 39 18.72 22.51 -17.88
CA GLY B 39 18.83 21.20 -17.26
C GLY B 39 18.18 20.08 -18.06
N THR B 40 17.78 19.02 -17.34
CA THR B 40 17.14 17.85 -17.94
C THR B 40 15.83 17.55 -17.25
N ILE B 41 14.77 17.35 -18.05
CA ILE B 41 13.49 16.90 -17.55
C ILE B 41 13.35 15.39 -17.76
N TYR B 42 13.08 14.66 -16.67
CA TYR B 42 12.79 13.24 -16.73
C TYR B 42 11.29 13.08 -16.50
N TYR B 43 10.60 12.40 -17.44
CA TYR B 43 9.15 12.31 -17.39
C TYR B 43 8.61 10.95 -17.82
N PRO B 44 7.42 10.53 -17.31
CA PRO B 44 6.79 9.29 -17.75
C PRO B 44 6.19 9.38 -19.15
N THR B 45 6.40 8.32 -19.94
CA THR B 45 5.84 8.22 -21.28
C THR B 45 4.39 7.75 -21.27
N ASP B 46 3.97 7.12 -20.17
CA ASP B 46 2.59 6.68 -19.98
C ASP B 46 1.69 7.84 -19.53
N THR B 47 0.80 8.27 -20.44
CA THR B 47 -0.12 9.36 -20.18
C THR B 47 -1.49 8.89 -19.69
N SER B 48 -1.70 7.56 -19.70
CA SER B 48 -3.04 7.00 -19.59
C SER B 48 -3.70 7.16 -18.23
N GLU B 49 -2.89 7.36 -17.17
CA GLU B 49 -3.42 7.56 -15.84
C GLU B 49 -3.60 9.04 -15.50
N GLY B 50 -3.28 9.93 -16.45
CA GLY B 50 -3.42 11.37 -16.27
C GLY B 50 -2.08 12.11 -16.14
N THR B 51 -2.15 13.40 -15.77
CA THR B 51 -0.97 14.22 -15.57
C THR B 51 -0.31 13.92 -14.22
N PHE B 52 0.97 14.31 -14.10
CA PHE B 52 1.77 14.05 -12.91
C PHE B 52 2.21 15.34 -12.23
N GLY B 53 2.50 15.24 -10.93
CA GLY B 53 3.12 16.33 -10.20
C GLY B 53 4.52 16.63 -10.73
N GLY B 54 4.95 17.88 -10.58
CA GLY B 54 6.24 18.35 -11.06
C GLY B 54 7.23 18.58 -9.91
N VAL B 55 8.50 18.28 -10.16
CA VAL B 55 9.53 18.37 -9.14
C VAL B 55 10.79 19.00 -9.72
N VAL B 56 11.25 20.09 -9.11
CA VAL B 56 12.51 20.71 -9.47
C VAL B 56 13.57 20.36 -8.44
N ILE B 57 14.70 19.81 -8.94
CA ILE B 57 15.83 19.43 -8.11
C ILE B 57 17.03 20.31 -8.47
N ALA B 58 17.53 21.06 -7.47
CA ALA B 58 18.69 21.92 -7.66
C ALA B 58 19.96 21.26 -7.13
N PRO B 59 21.14 21.54 -7.74
CA PRO B 59 22.40 20.99 -7.26
C PRO B 59 23.08 21.85 -6.20
N GLY B 60 24.25 21.40 -5.73
CA GLY B 60 24.98 22.10 -4.70
C GLY B 60 26.04 23.07 -5.21
N TYR B 61 26.70 23.72 -4.26
CA TYR B 61 27.85 24.58 -4.52
C TYR B 61 28.94 23.83 -5.28
N THR B 62 29.42 24.45 -6.37
CA THR B 62 30.42 23.88 -7.28
C THR B 62 29.91 22.80 -8.23
N ALA B 63 28.63 22.43 -8.09
CA ALA B 63 28.11 21.25 -8.78
C ALA B 63 27.13 21.62 -9.89
N SER B 64 26.77 20.60 -10.68
CA SER B 64 25.80 20.72 -11.75
C SER B 64 24.78 19.61 -11.61
N GLN B 65 23.90 19.48 -12.62
CA GLN B 65 22.87 18.45 -12.61
C GLN B 65 23.43 17.03 -12.59
N SER B 66 24.70 16.86 -12.98
CA SER B 66 25.32 15.54 -13.01
C SER B 66 25.44 14.92 -11.61
N SER B 67 25.54 15.77 -10.58
CA SER B 67 25.55 15.30 -9.21
C SER B 67 24.17 14.85 -8.72
N MET B 68 23.10 15.31 -9.38
CA MET B 68 21.75 14.96 -8.99
C MET B 68 21.08 14.00 -9.98
N ALA B 69 21.78 13.65 -11.06
CA ALA B 69 21.17 13.00 -12.21
C ALA B 69 20.51 11.66 -11.88
N TRP B 70 21.07 10.93 -10.92
CA TRP B 70 20.57 9.62 -10.56
C TRP B 70 19.13 9.67 -10.04
N MET B 71 18.72 10.82 -9.48
CA MET B 71 17.38 10.99 -8.97
C MET B 71 16.33 11.18 -10.07
N GLY B 72 16.78 11.54 -11.28
CA GLY B 72 15.92 11.81 -12.40
C GLY B 72 14.98 10.67 -12.79
N HIS B 73 15.56 9.61 -13.37
CA HIS B 73 14.79 8.44 -13.76
C HIS B 73 14.19 7.73 -12.54
N ARG B 74 14.92 7.75 -11.42
CA ARG B 74 14.52 6.99 -10.24
C ARG B 74 13.23 7.50 -9.62
N ILE B 75 13.14 8.82 -9.41
CA ILE B 75 11.92 9.41 -8.87
C ILE B 75 10.84 9.46 -9.94
N ALA B 76 11.22 9.86 -11.17
CA ALA B 76 10.25 10.05 -12.24
C ALA B 76 9.53 8.76 -12.63
N SER B 77 10.22 7.63 -12.52
CA SER B 77 9.62 6.34 -12.85
C SER B 77 8.58 5.86 -11.81
N GLN B 78 8.52 6.58 -10.67
CA GLN B 78 7.47 6.36 -9.68
C GLN B 78 6.20 7.14 -9.99
N GLY B 79 6.29 8.10 -10.92
CA GLY B 79 5.15 8.87 -11.36
C GLY B 79 5.31 10.37 -11.11
N PHE B 80 6.40 10.95 -11.61
CA PHE B 80 6.67 12.36 -11.44
C PHE B 80 7.41 12.92 -12.66
N VAL B 81 7.24 14.23 -12.91
CA VAL B 81 8.05 14.95 -13.87
C VAL B 81 9.12 15.68 -13.08
N VAL B 82 10.38 15.28 -13.30
CA VAL B 82 11.50 15.71 -12.47
C VAL B 82 12.49 16.52 -13.31
N PHE B 83 12.79 17.74 -12.86
CA PHE B 83 13.62 18.68 -13.60
C PHE B 83 14.91 18.96 -12.83
N THR B 84 15.98 18.22 -13.16
CA THR B 84 17.29 18.42 -12.57
C THR B 84 17.97 19.59 -13.28
N ILE B 85 18.03 20.75 -12.60
CA ILE B 85 18.53 21.97 -13.21
C ILE B 85 20.02 22.17 -12.96
N ASP B 86 20.62 22.99 -13.84
CA ASP B 86 21.89 23.65 -13.59
C ASP B 86 21.58 25.07 -13.11
N THR B 87 22.50 25.64 -12.32
CA THR B 87 22.41 27.03 -11.91
C THR B 87 23.12 27.90 -12.94
N ILE B 88 23.02 29.22 -12.78
CA ILE B 88 23.64 30.16 -13.71
C ILE B 88 25.17 30.07 -13.64
N THR B 89 25.69 30.11 -12.40
CA THR B 89 27.08 29.75 -12.13
C THR B 89 27.12 28.67 -11.05
N ARG B 90 28.24 27.95 -11.00
CA ARG B 90 28.40 26.86 -10.05
C ARG B 90 28.54 27.33 -8.61
N TYR B 91 28.82 28.64 -8.43
CA TYR B 91 29.10 29.20 -7.12
C TYR B 91 28.01 30.16 -6.63
N ASP B 92 26.80 30.04 -7.18
CA ASP B 92 25.67 30.85 -6.75
C ASP B 92 25.30 30.50 -5.31
N GLN B 93 24.91 31.52 -4.54
CA GLN B 93 24.54 31.37 -3.14
C GLN B 93 23.09 30.91 -3.00
N PRO B 94 22.67 30.43 -1.80
CA PRO B 94 21.38 29.78 -1.62
C PRO B 94 20.13 30.55 -2.09
N ASP B 95 20.04 31.83 -1.75
CA ASP B 95 18.88 32.63 -2.13
C ASP B 95 18.79 32.85 -3.63
N SER B 96 19.94 32.92 -4.30
CA SER B 96 19.98 32.95 -5.75
C SER B 96 19.44 31.65 -6.33
N ARG B 97 19.80 30.53 -5.69
CA ARG B 97 19.33 29.23 -6.12
C ARG B 97 17.82 29.13 -5.95
N GLY B 98 17.31 29.70 -4.84
CA GLY B 98 15.88 29.81 -4.61
C GLY B 98 15.12 30.45 -5.76
N ARG B 99 15.62 31.62 -6.21
CA ARG B 99 15.02 32.33 -7.33
C ARG B 99 15.13 31.55 -8.64
N GLN B 100 16.25 30.84 -8.83
CA GLN B 100 16.43 30.00 -10.01
C GLN B 100 15.49 28.79 -9.99
N ILE B 101 15.36 28.15 -8.82
CA ILE B 101 14.38 27.10 -8.62
C ILE B 101 12.97 27.54 -8.99
N GLU B 102 12.62 28.77 -8.60
CA GLU B 102 11.31 29.33 -8.90
C GLU B 102 11.10 29.55 -10.40
N ALA B 103 12.14 30.05 -11.07
CA ALA B 103 12.08 30.26 -12.51
C ALA B 103 11.97 28.93 -13.26
N ALA B 104 12.58 27.89 -12.71
CA ALA B 104 12.55 26.56 -13.32
C ALA B 104 11.16 25.92 -13.19
N LEU B 105 10.53 26.11 -12.03
CA LEU B 105 9.14 25.72 -11.82
C LEU B 105 8.24 26.35 -12.89
N ASP B 106 8.39 27.65 -13.09
CA ASP B 106 7.62 28.37 -14.09
C ASP B 106 7.89 27.86 -15.50
N TYR B 107 9.18 27.65 -15.84
CA TYR B 107 9.56 27.12 -17.14
C TYR B 107 8.90 25.76 -17.38
N LEU B 108 8.98 24.89 -16.37
CA LEU B 108 8.45 23.54 -16.46
C LEU B 108 6.96 23.54 -16.78
N VAL B 109 6.20 24.38 -16.07
CA VAL B 109 4.75 24.44 -16.22
C VAL B 109 4.31 25.18 -17.48
N GLU B 110 5.01 26.27 -17.81
CA GLU B 110 4.57 27.19 -18.86
C GLU B 110 5.18 26.92 -20.23
N ASP B 111 6.50 26.66 -20.27
CA ASP B 111 7.25 26.67 -21.51
C ASP B 111 7.73 25.32 -22.05
N SER B 112 7.94 24.35 -21.14
CA SER B 112 8.61 23.11 -21.50
C SER B 112 7.79 22.28 -22.49
N ASP B 113 8.49 21.43 -23.24
CA ASP B 113 7.86 20.56 -24.22
C ASP B 113 6.99 19.47 -23.59
N VAL B 114 7.12 19.27 -22.27
CA VAL B 114 6.29 18.31 -21.56
C VAL B 114 5.36 18.99 -20.54
N ALA B 115 4.97 20.23 -20.85
CA ALA B 115 4.05 20.98 -20.00
C ALA B 115 2.67 20.32 -19.88
N ASP B 116 2.23 19.65 -20.94
CA ASP B 116 0.94 18.98 -20.94
C ASP B 116 0.92 17.68 -20.14
N ARG B 117 2.09 17.27 -19.61
CA ARG B 117 2.17 16.13 -18.72
C ARG B 117 2.28 16.52 -17.26
N VAL B 118 2.37 17.84 -16.98
CA VAL B 118 2.50 18.34 -15.63
C VAL B 118 1.22 18.99 -15.14
N ASP B 119 0.78 18.60 -13.94
CA ASP B 119 -0.23 19.36 -13.21
C ASP B 119 0.47 20.48 -12.45
N GLY B 120 0.28 21.71 -12.93
CA GLY B 120 0.92 22.89 -12.36
C GLY B 120 0.39 23.33 -10.99
N ASN B 121 -0.70 22.71 -10.53
CA ASN B 121 -1.20 22.93 -9.17
C ASN B 121 -0.55 22.04 -8.13
N ARG B 122 0.34 21.14 -8.56
CA ARG B 122 0.95 20.15 -7.68
C ARG B 122 2.46 20.07 -7.97
N LEU B 123 3.22 20.94 -7.29
CA LEU B 123 4.64 21.07 -7.53
C LEU B 123 5.43 20.85 -6.24
N ALA B 124 6.71 20.49 -6.39
CA ALA B 124 7.61 20.28 -5.26
C ALA B 124 9.03 20.71 -5.59
N VAL B 125 9.84 20.86 -4.55
CA VAL B 125 11.21 21.32 -4.68
C VAL B 125 12.14 20.45 -3.84
N MET B 126 13.31 20.13 -4.42
CA MET B 126 14.34 19.34 -3.78
C MET B 126 15.67 20.01 -4.12
N GLY B 127 16.68 19.80 -3.27
CA GLY B 127 17.99 20.35 -3.57
C GLY B 127 19.08 19.89 -2.61
N HIS B 128 20.31 19.83 -3.11
CA HIS B 128 21.47 19.44 -2.33
C HIS B 128 22.26 20.68 -1.89
N CYS B 129 22.78 20.65 -0.65
CA CYS B 129 23.76 21.62 -0.20
C CYS B 129 23.15 23.01 -0.27
N MET B 130 23.82 23.95 -0.95
CA MET B 130 23.26 25.27 -1.16
C MET B 130 21.95 25.23 -1.94
N GLY B 131 21.78 24.22 -2.79
CA GLY B 131 20.51 23.94 -3.44
C GLY B 131 19.38 23.56 -2.49
N GLY B 132 19.74 22.92 -1.36
CA GLY B 132 18.80 22.61 -0.29
C GLY B 132 18.40 23.88 0.47
N GLY B 133 19.37 24.77 0.67
CA GLY B 133 19.09 26.13 1.12
C GLY B 133 18.14 26.86 0.19
N GLY B 134 18.39 26.73 -1.12
CA GLY B 134 17.51 27.28 -2.14
C GLY B 134 16.11 26.67 -2.13
N THR B 135 16.04 25.37 -1.84
CA THR B 135 14.78 24.66 -1.70
C THR B 135 13.92 25.35 -0.64
N LEU B 136 14.51 25.60 0.53
CA LEU B 136 13.81 26.28 1.61
C LEU B 136 13.39 27.69 1.18
N ALA B 137 14.30 28.42 0.52
CA ALA B 137 14.02 29.77 0.04
C ALA B 137 12.81 29.81 -0.89
N ALA B 138 12.75 28.84 -1.82
CA ALA B 138 11.66 28.74 -2.76
C ALA B 138 10.35 28.40 -2.04
N ALA B 139 10.42 27.42 -1.13
CA ALA B 139 9.28 27.04 -0.30
C ALA B 139 8.74 28.21 0.50
N GLU B 140 9.65 28.98 1.11
CA GLU B 140 9.29 30.16 1.89
C GLU B 140 8.57 31.21 1.03
N ASN B 141 9.00 31.34 -0.23
CA ASN B 141 8.43 32.31 -1.14
C ASN B 141 7.14 31.86 -1.82
N ARG B 142 6.94 30.53 -1.91
CA ARG B 142 5.78 29.97 -2.59
C ARG B 142 5.08 28.94 -1.71
N PRO B 143 4.16 29.37 -0.83
CA PRO B 143 3.44 28.44 0.05
C PRO B 143 2.48 27.46 -0.64
N GLU B 144 2.18 27.70 -1.93
CA GLU B 144 1.30 26.82 -2.68
C GLU B 144 1.97 25.50 -3.07
N LEU B 145 3.32 25.46 -3.02
CA LEU B 145 4.06 24.24 -3.25
C LEU B 145 3.64 23.14 -2.28
N ARG B 146 3.61 21.90 -2.77
CA ARG B 146 3.09 20.76 -2.01
C ARG B 146 4.12 20.11 -1.11
N ALA B 147 5.39 20.09 -1.52
CA ALA B 147 6.44 19.50 -0.71
C ALA B 147 7.81 20.11 -0.98
N ALA B 148 8.70 20.00 0.02
CA ALA B 148 10.06 20.49 -0.09
C ALA B 148 11.00 19.50 0.62
N ILE B 149 12.06 19.08 -0.09
CA ILE B 149 13.01 18.13 0.48
C ILE B 149 14.44 18.64 0.35
N PRO B 150 14.91 19.47 1.32
CA PRO B 150 16.33 19.82 1.38
C PRO B 150 17.21 18.64 1.79
N LEU B 151 18.26 18.40 0.99
CA LEU B 151 19.22 17.33 1.23
C LEU B 151 20.53 17.90 1.73
N THR B 152 20.97 17.46 2.92
CA THR B 152 22.13 18.03 3.61
C THR B 152 22.26 19.53 3.35
N PRO B 153 21.21 20.32 3.68
CA PRO B 153 21.14 21.72 3.25
C PRO B 153 22.16 22.61 3.94
N TRP B 154 22.52 23.70 3.24
CA TRP B 154 23.42 24.72 3.74
C TRP B 154 22.78 26.09 3.49
N HIS B 155 22.70 26.90 4.55
CA HIS B 155 22.20 28.26 4.44
C HIS B 155 22.55 29.02 5.71
N LEU B 156 22.99 30.28 5.55
CA LEU B 156 23.25 31.15 6.68
C LEU B 156 21.94 31.54 7.38
N GLN B 157 20.84 31.61 6.63
CA GLN B 157 19.53 31.82 7.20
C GLN B 157 19.08 30.56 7.94
N LYS B 158 18.91 30.68 9.27
CA LYS B 158 18.56 29.55 10.12
C LYS B 158 17.06 29.47 10.44
N ASN B 159 16.35 30.59 10.28
CA ASN B 159 14.94 30.70 10.65
C ASN B 159 14.02 30.45 9.45
N TRP B 160 13.19 29.41 9.56
CA TRP B 160 12.25 29.06 8.51
C TRP B 160 10.85 28.84 9.10
N SER B 161 10.52 29.62 10.14
CA SER B 161 9.21 29.60 10.77
C SER B 161 8.12 30.06 9.81
N ASP B 162 8.56 30.79 8.79
CA ASP B 162 7.73 31.32 7.73
C ASP B 162 7.13 30.22 6.83
N VAL B 163 7.84 29.10 6.69
CA VAL B 163 7.52 28.10 5.68
C VAL B 163 6.21 27.37 5.98
N GLU B 164 5.35 27.27 4.95
CA GLU B 164 4.07 26.57 5.05
C GLU B 164 3.99 25.33 4.16
N VAL B 165 5.10 25.00 3.49
CA VAL B 165 5.19 23.81 2.64
C VAL B 165 5.66 22.63 3.48
N PRO B 166 4.97 21.47 3.46
CA PRO B 166 5.47 20.26 4.13
C PRO B 166 6.89 19.89 3.70
N THR B 167 7.85 20.01 4.64
CA THR B 167 9.25 19.83 4.30
C THR B 167 9.86 18.65 5.04
N MET B 168 10.56 17.82 4.26
CA MET B 168 11.38 16.75 4.79
C MET B 168 12.85 17.14 4.63
N ILE B 169 13.53 17.38 5.75
CA ILE B 169 14.96 17.64 5.73
C ILE B 169 15.70 16.34 5.97
N ILE B 170 16.59 15.98 5.03
CA ILE B 170 17.44 14.81 5.17
C ILE B 170 18.87 15.30 5.41
N GLY B 171 19.37 15.12 6.65
CA GLY B 171 20.75 15.45 6.98
C GLY B 171 21.65 14.22 7.01
N ALA B 172 22.96 14.46 7.08
CA ALA B 172 23.96 13.40 7.19
C ALA B 172 24.69 13.51 8.53
N GLU B 173 24.63 12.44 9.33
CA GLU B 173 25.17 12.44 10.68
C GLU B 173 26.58 13.03 10.75
N ASN B 174 27.46 12.57 9.86
CA ASN B 174 28.87 12.95 9.91
C ASN B 174 29.24 14.09 8.95
N ASP B 175 28.26 14.91 8.56
CA ASP B 175 28.51 16.04 7.68
C ASP B 175 29.37 17.10 8.37
N THR B 176 30.53 17.42 7.78
CA THR B 176 31.40 18.47 8.27
C THR B 176 31.30 19.79 7.49
N VAL B 177 30.71 19.74 6.29
CA VAL B 177 30.58 20.89 5.42
C VAL B 177 29.34 21.69 5.84
N ALA B 178 28.18 21.02 5.80
CA ALA B 178 26.93 21.57 6.27
C ALA B 178 26.51 20.78 7.51
N SER B 179 27.26 20.98 8.60
CA SER B 179 27.00 20.32 9.87
C SER B 179 25.52 20.35 10.22
N VAL B 180 25.00 19.20 10.69
CA VAL B 180 23.60 19.11 11.09
C VAL B 180 23.32 19.99 12.31
N ARG B 181 24.31 20.12 13.19
CA ARG B 181 24.18 20.95 14.38
C ARG B 181 23.92 22.41 14.03
N THR B 182 24.57 22.90 12.97
CA THR B 182 24.54 24.31 12.61
C THR B 182 23.68 24.63 11.39
N HIS B 183 23.23 23.60 10.65
CA HIS B 183 22.38 23.80 9.50
C HIS B 183 21.07 23.03 9.62
N SER B 184 21.08 21.73 9.29
CA SER B 184 19.85 20.94 9.21
C SER B 184 18.94 21.10 10.42
N ILE B 185 19.47 20.84 11.62
CA ILE B 185 18.64 20.78 12.81
C ILE B 185 18.03 22.14 13.16
N PRO B 186 18.82 23.24 13.27
CA PRO B 186 18.23 24.58 13.41
C PRO B 186 17.09 24.85 12.41
N PHE B 187 17.29 24.45 11.15
CA PHE B 187 16.26 24.64 10.13
C PHE B 187 14.98 23.91 10.52
N TYR B 188 15.12 22.64 10.92
CA TYR B 188 13.98 21.81 11.27
C TYR B 188 13.24 22.32 12.50
N GLU B 189 14.00 22.65 13.56
CA GLU B 189 13.41 23.09 14.82
C GLU B 189 12.70 24.44 14.72
N SER B 190 13.06 25.23 13.69
CA SER B 190 12.41 26.50 13.41
C SER B 190 11.05 26.33 12.72
N LEU B 191 10.81 25.16 12.13
CA LEU B 191 9.58 24.91 11.41
C LEU B 191 8.40 24.95 12.38
N ASP B 192 7.27 25.47 11.86
CA ASP B 192 6.03 25.58 12.63
C ASP B 192 5.62 24.22 13.18
N GLU B 193 5.04 24.22 14.39
CA GLU B 193 4.70 22.97 15.06
C GLU B 193 3.50 22.29 14.42
N ASP B 194 2.70 23.05 13.67
CA ASP B 194 1.54 22.52 12.96
C ASP B 194 1.85 22.16 11.50
N LEU B 195 3.07 22.43 11.06
CA LEU B 195 3.49 22.05 9.73
C LEU B 195 3.83 20.56 9.70
N GLU B 196 3.24 19.84 8.75
CA GLU B 196 3.63 18.47 8.49
C GLU B 196 5.09 18.49 8.03
N ARG B 197 5.93 17.68 8.66
CA ARG B 197 7.37 17.78 8.48
C ARG B 197 8.10 16.53 8.96
N ALA B 198 9.40 16.47 8.66
CA ALA B 198 10.25 15.37 9.11
C ALA B 198 11.72 15.74 9.03
N TYR B 199 12.50 15.23 10.00
CA TYR B 199 13.95 15.29 9.96
C TYR B 199 14.49 13.87 9.90
N LEU B 200 15.26 13.60 8.85
CA LEU B 200 15.89 12.31 8.63
C LEU B 200 17.40 12.48 8.68
N GLU B 201 18.05 11.78 9.61
CA GLU B 201 19.48 11.86 9.79
C GLU B 201 20.12 10.50 9.48
N LEU B 202 20.89 10.44 8.39
CA LEU B 202 21.49 9.21 7.92
C LEU B 202 22.69 8.81 8.77
N ASP B 203 22.67 7.59 9.31
CA ASP B 203 23.74 7.11 10.17
C ASP B 203 25.05 6.95 9.39
N GLY B 204 26.11 7.55 9.91
CA GLY B 204 27.44 7.43 9.34
C GLY B 204 27.65 8.06 7.96
N ALA B 205 26.70 8.89 7.52
CA ALA B 205 26.72 9.42 6.17
C ALA B 205 27.53 10.71 6.07
N SER B 206 28.10 10.95 4.88
CA SER B 206 28.87 12.16 4.59
C SER B 206 28.05 13.20 3.85
N HIS B 207 28.65 14.37 3.63
CA HIS B 207 27.97 15.48 2.98
C HIS B 207 27.50 15.14 1.57
N PHE B 208 28.29 14.33 0.86
CA PHE B 208 28.07 14.02 -0.55
C PHE B 208 27.26 12.75 -0.80
N ALA B 209 26.66 12.19 0.26
CA ALA B 209 25.82 11.02 0.15
C ALA B 209 24.66 11.24 -0.83
N PRO B 210 24.02 12.44 -0.87
CA PRO B 210 22.97 12.72 -1.85
C PRO B 210 23.40 12.74 -3.32
N ASN B 211 24.71 12.68 -3.59
CA ASN B 211 25.22 12.68 -4.96
C ASN B 211 25.52 11.29 -5.51
N ILE B 212 25.15 10.25 -4.76
CA ILE B 212 25.32 8.88 -5.18
C ILE B 212 24.06 8.07 -4.88
N SER B 213 23.76 7.11 -5.78
CA SER B 213 22.62 6.23 -5.61
C SER B 213 22.48 5.79 -4.15
N ASN B 214 21.34 6.16 -3.55
CA ASN B 214 21.08 5.92 -2.14
C ASN B 214 19.62 5.48 -2.00
N THR B 215 19.45 4.20 -1.67
CA THR B 215 18.13 3.61 -1.51
C THR B 215 17.32 4.33 -0.43
N VAL B 216 17.98 4.70 0.67
CA VAL B 216 17.32 5.36 1.79
C VAL B 216 16.74 6.71 1.36
N ILE B 217 17.58 7.54 0.75
CA ILE B 217 17.16 8.85 0.27
C ILE B 217 16.03 8.72 -0.75
N ALA B 218 16.18 7.78 -1.69
CA ALA B 218 15.18 7.56 -2.72
C ALA B 218 13.83 7.17 -2.11
N LYS B 219 13.83 6.13 -1.28
CA LYS B 219 12.63 5.62 -0.64
C LYS B 219 11.81 6.72 0.04
N TYR B 220 12.49 7.52 0.86
CA TYR B 220 11.83 8.49 1.72
C TYR B 220 11.44 9.75 0.96
N SER B 221 12.27 10.14 0.00
CA SER B 221 11.92 11.23 -0.90
C SER B 221 10.67 10.87 -1.70
N ILE B 222 10.67 9.67 -2.28
CA ILE B 222 9.53 9.19 -3.06
C ILE B 222 8.28 9.16 -2.20
N SER B 223 8.38 8.57 -1.00
CA SER B 223 7.26 8.46 -0.09
C SER B 223 6.69 9.82 0.29
N TRP B 224 7.58 10.81 0.43
CA TRP B 224 7.17 12.16 0.82
C TRP B 224 6.48 12.91 -0.32
N LEU B 225 7.01 12.75 -1.53
CA LEU B 225 6.40 13.35 -2.71
C LEU B 225 5.03 12.73 -2.97
N LYS B 226 4.95 11.39 -2.88
CA LYS B 226 3.69 10.68 -3.05
C LYS B 226 2.66 11.20 -2.06
N ARG B 227 3.07 11.34 -0.79
CA ARG B 227 2.14 11.68 0.27
C ARG B 227 1.58 13.10 0.14
N PHE B 228 2.38 14.05 -0.37
CA PHE B 228 1.97 15.44 -0.39
C PHE B 228 1.70 16.01 -1.78
N VAL B 229 2.55 15.69 -2.76
CA VAL B 229 2.34 16.12 -4.13
C VAL B 229 1.11 15.43 -4.72
N ASP B 230 0.96 14.12 -4.42
CA ASP B 230 -0.17 13.34 -4.90
C ASP B 230 -1.25 13.12 -3.84
N GLU B 231 -0.97 13.57 -2.59
CA GLU B 231 -1.86 13.33 -1.46
C GLU B 231 -2.18 11.84 -1.33
N ASP B 232 -1.19 11.00 -1.62
CA ASP B 232 -1.40 9.56 -1.75
C ASP B 232 -1.18 8.88 -0.41
N GLU B 233 -2.30 8.50 0.24
CA GLU B 233 -2.27 7.88 1.55
C GLU B 233 -1.71 6.46 1.52
N ARG B 234 -1.57 5.88 0.32
CA ARG B 234 -0.95 4.57 0.18
C ARG B 234 0.52 4.57 0.61
N TYR B 235 1.16 5.74 0.55
CA TYR B 235 2.56 5.87 0.92
C TYR B 235 2.77 6.36 2.36
N GLU B 236 1.67 6.61 3.07
CA GLU B 236 1.69 6.94 4.48
C GLU B 236 2.38 5.85 5.31
N GLN B 237 2.25 4.60 4.86
CA GLN B 237 2.80 3.45 5.57
C GLN B 237 4.31 3.47 5.76
N PHE B 238 5.03 4.12 4.83
CA PHE B 238 6.48 4.19 4.89
C PHE B 238 7.01 5.32 5.77
N LEU B 239 6.11 6.26 6.12
CA LEU B 239 6.46 7.42 6.95
C LEU B 239 5.96 7.29 8.39
N CYS B 240 4.84 6.58 8.57
CA CYS B 240 4.15 6.47 9.85
C CYS B 240 3.69 5.03 10.09
N PRO B 241 4.02 4.42 11.26
CA PRO B 241 4.85 5.04 12.29
C PRO B 241 6.30 5.24 11.83
N PRO B 242 7.10 6.08 12.50
CA PRO B 242 8.48 6.35 12.06
C PRO B 242 9.38 5.12 12.19
N PRO B 243 10.45 5.03 11.36
CA PRO B 243 11.36 3.88 11.42
C PRO B 243 12.20 3.92 12.69
N ASP B 244 12.78 2.77 13.04
CA ASP B 244 13.65 2.66 14.20
C ASP B 244 14.95 3.42 13.95
N THR B 245 15.62 3.85 15.03
CA THR B 245 16.78 4.72 14.95
C THR B 245 18.02 4.24 15.70
N GLY B 246 18.34 2.95 15.55
CA GLY B 246 19.41 2.37 16.34
C GLY B 246 20.39 1.52 15.55
N LEU B 247 20.71 0.33 16.08
CA LEU B 247 21.61 -0.60 15.44
C LEU B 247 20.94 -1.24 14.23
N PHE B 248 21.65 -1.26 13.09
CA PHE B 248 21.14 -1.80 11.83
C PHE B 248 20.05 -0.94 11.18
N SER B 249 19.71 0.19 11.81
CA SER B 249 18.87 1.19 11.18
C SER B 249 19.71 2.06 10.24
N ASP B 250 19.05 2.66 9.26
CA ASP B 250 19.68 3.65 8.40
C ASP B 250 19.77 5.01 9.08
N PHE B 251 19.04 5.19 10.18
CA PHE B 251 18.84 6.49 10.79
C PHE B 251 19.50 6.60 12.17
N SER B 252 20.30 7.65 12.35
CA SER B 252 20.82 8.04 13.65
C SER B 252 19.81 8.91 14.39
N ASP B 253 18.86 9.50 13.65
CA ASP B 253 17.77 10.27 14.23
C ASP B 253 16.62 10.30 13.22
N TYR B 254 15.40 10.44 13.74
CA TYR B 254 14.20 10.59 12.91
C TYR B 254 13.14 11.34 13.73
N ARG B 255 12.70 12.50 13.21
CA ARG B 255 11.69 13.31 13.87
C ARG B 255 10.50 13.42 12.91
N ASP B 256 9.29 13.33 13.47
CA ASP B 256 8.10 13.17 12.68
C ASP B 256 6.97 14.10 13.14
N SER B 257 5.91 14.15 12.32
CA SER B 257 4.67 14.85 12.67
C SER B 257 3.47 13.94 12.41
N CYS B 258 3.65 12.64 12.65
CA CYS B 258 2.64 11.63 12.37
C CYS B 258 1.42 11.84 13.26
N PRO B 259 0.17 11.57 12.79
CA PRO B 259 -0.10 11.20 11.40
C PRO B 259 -0.09 12.41 10.47
N HIS B 260 -0.02 12.14 9.16
CA HIS B 260 -0.04 13.19 8.15
C HIS B 260 -1.47 13.41 7.67
N THR B 261 -1.98 14.64 7.87
CA THR B 261 -3.22 15.08 7.27
C THR B 261 -2.86 16.05 6.14
N THR B 262 -3.65 16.04 5.06
CA THR B 262 -3.52 17.02 3.99
C THR B 262 -4.74 17.97 4.06
CA CA C . 1.05 -23.29 15.32
CA CA D . 12.83 4.79 -21.42
CA CA E . 0.30 15.68 11.97
#